data_3TDM
#
_entry.id   3TDM
#
_cell.length_a   60.493
_cell.length_b   60.493
_cell.length_c   140.200
_cell.angle_alpha   90.00
_cell.angle_beta   90.00
_cell.angle_gamma   90.00
#
_symmetry.space_group_name_H-M   'P 43'
#
loop_
_entity.id
_entity.type
_entity.pdbx_description
1 polymer 'Computationally designed two-fold symmetric TIM-barrel protein, FLR (half molecule)'
2 non-polymer 'PHOSPHATE ION'
3 water water
#
_entity_poly.entity_id   1
_entity_poly.type   'polypeptide(L)'
_entity_poly.pdbx_seq_one_letter_code
;GSESSSQAVVVAIDAKRVDGEFMVFTYSGKKNTGILLRDWVVEVEKRGAGEILLTSIDRDGTKSGYDTEMIRFVRPLTTL
PIIASGGAGKMEHFLEAFLRGADKVSINTAAVENPSLITQIAQTFG
;
_entity_poly.pdbx_strand_id   A,B,C,D
#
loop_
_chem_comp.id
_chem_comp.type
_chem_comp.name
_chem_comp.formula
PO4 non-polymer 'PHOSPHATE ION' 'O4 P -3'
#
# COMPACT_ATOMS: atom_id res chain seq x y z
N GLN A 7 3.38 7.68 14.55
CA GLN A 7 2.84 9.03 14.17
C GLN A 7 1.56 9.27 14.92
N ALA A 8 1.65 9.38 16.23
CA ALA A 8 0.45 9.43 17.03
C ALA A 8 -0.24 10.79 16.98
N VAL A 9 0.41 11.79 16.37
CA VAL A 9 -0.20 13.13 16.25
C VAL A 9 -0.66 13.54 14.86
N VAL A 10 -1.99 13.62 14.69
CA VAL A 10 -2.57 13.81 13.37
C VAL A 10 -3.16 15.22 13.38
N VAL A 11 -2.80 16.02 12.38
CA VAL A 11 -3.43 17.32 12.23
C VAL A 11 -4.40 17.23 11.07
N ALA A 12 -5.67 17.50 11.35
CA ALA A 12 -6.68 17.42 10.39
C ALA A 12 -6.94 18.78 9.79
N ILE A 13 -6.91 18.83 8.47
CA ILE A 13 -7.08 20.09 7.76
C ILE A 13 -8.29 19.90 6.86
N ASP A 14 -9.35 20.67 7.14
CA ASP A 14 -10.52 20.81 6.29
C ASP A 14 -10.28 21.98 5.36
N ALA A 15 -10.36 21.79 4.06
CA ALA A 15 -10.16 22.91 3.13
C ALA A 15 -11.13 22.83 1.98
N LYS A 16 -11.34 23.99 1.33
CA LYS A 16 -11.95 24.08 0.03
C LYS A 16 -11.64 25.43 -0.65
N ARG A 17 -11.89 25.48 -1.95
CA ARG A 17 -11.61 26.64 -2.77
C ARG A 17 -12.51 27.79 -2.39
N VAL A 18 -11.91 28.87 -1.96
CA VAL A 18 -12.65 30.05 -1.76
C VAL A 18 -12.08 31.12 -2.64
N ASP A 19 -12.81 31.50 -3.67
CA ASP A 19 -12.31 32.44 -4.66
C ASP A 19 -11.12 31.80 -5.39
N GLY A 20 -11.29 30.58 -5.85
CA GLY A 20 -10.22 29.89 -6.51
C GLY A 20 -9.12 29.34 -5.64
N GLU A 21 -9.02 29.81 -4.41
CA GLU A 21 -7.90 29.49 -3.56
C GLU A 21 -8.24 28.44 -2.53
N PHE A 22 -7.29 27.65 -2.13
CA PHE A 22 -7.61 26.67 -1.11
C PHE A 22 -7.46 27.30 0.28
N MET A 23 -8.55 27.35 1.02
CA MET A 23 -8.57 28.01 2.31
C MET A 23 -8.88 26.97 3.39
N VAL A 24 -8.36 27.24 4.58
CA VAL A 24 -8.51 26.34 5.73
C VAL A 24 -9.78 26.71 6.49
N PHE A 25 -10.54 25.70 6.92
CA PHE A 25 -11.76 25.93 7.70
C PHE A 25 -11.66 25.24 9.03
N THR A 26 -12.36 25.77 10.01
CA THR A 26 -12.41 25.16 11.33
C THR A 26 -13.89 25.16 11.80
N TYR A 27 -14.16 24.70 13.02
CA TYR A 27 -15.53 24.56 13.50
C TYR A 27 -16.38 23.72 12.55
N SER A 28 -16.06 22.45 12.39
CA SER A 28 -16.84 21.54 11.52
C SER A 28 -17.05 22.09 10.13
N GLY A 29 -16.02 22.70 9.58
CA GLY A 29 -16.11 23.25 8.25
C GLY A 29 -16.95 24.48 8.10
N LYS A 30 -17.30 25.14 9.20
CA LYS A 30 -18.16 26.33 9.11
C LYS A 30 -17.44 27.65 8.98
N LYS A 31 -16.17 27.73 9.37
CA LYS A 31 -15.52 29.04 9.39
C LYS A 31 -14.18 29.15 8.66
N ASN A 32 -14.13 30.13 7.77
CA ASN A 32 -12.99 30.40 6.99
C ASN A 32 -11.99 31.08 7.86
N THR A 33 -10.89 30.41 8.15
CA THR A 33 -9.89 30.98 9.04
C THR A 33 -9.16 32.16 8.39
N GLY A 34 -9.28 32.26 7.06
CA GLY A 34 -8.48 33.17 6.23
C GLY A 34 -7.04 32.69 5.96
N ILE A 35 -6.65 31.54 6.49
CA ILE A 35 -5.26 31.07 6.26
C ILE A 35 -5.28 30.15 5.06
N LEU A 36 -4.33 30.33 4.16
CA LEU A 36 -4.20 29.48 2.96
C LEU A 36 -3.70 28.06 3.23
N LEU A 37 -4.31 27.10 2.58
CA LEU A 37 -3.90 25.74 2.69
C LEU A 37 -2.42 25.59 2.72
N ARG A 38 -1.77 26.20 1.74
CA ARG A 38 -0.34 26.13 1.48
C ARG A 38 0.49 26.47 2.69
N ASP A 39 0.16 27.58 3.32
CA ASP A 39 0.85 28.03 4.45
C ASP A 39 0.61 27.12 5.61
N TRP A 40 -0.59 26.62 5.75
CA TRP A 40 -0.92 25.83 6.93
C TRP A 40 -0.24 24.45 6.91
N VAL A 41 -0.19 23.82 5.75
CA VAL A 41 0.46 22.51 5.62
C VAL A 41 1.93 22.58 6.02
N VAL A 42 2.64 23.59 5.53
CA VAL A 42 4.04 23.79 5.85
C VAL A 42 4.26 24.02 7.34
N GLU A 43 3.49 24.92 7.91
CA GLU A 43 3.59 25.25 9.32
C GLU A 43 3.29 24.08 10.29
N VAL A 44 2.30 23.30 9.93
CA VAL A 44 1.93 22.16 10.74
C VAL A 44 3.04 21.07 10.80
N GLU A 45 3.68 20.78 9.69
CA GLU A 45 4.84 19.94 9.76
C GLU A 45 5.91 20.55 10.68
N LYS A 46 6.18 21.84 10.52
CA LYS A 46 7.24 22.46 11.32
C LYS A 46 6.89 22.29 12.78
N ARG A 47 5.58 22.27 13.07
CA ARG A 47 5.13 22.26 14.48
C ARG A 47 5.25 20.90 15.13
N GLY A 48 5.37 19.87 14.33
CA GLY A 48 5.58 18.52 14.89
C GLY A 48 4.42 17.62 14.52
N ALA A 49 3.51 18.02 13.59
CA ALA A 49 2.47 17.06 13.16
C ALA A 49 3.11 15.77 12.69
N GLY A 50 2.52 14.60 12.99
CA GLY A 50 3.11 13.35 12.49
C GLY A 50 2.42 12.94 11.15
N GLU A 51 1.21 13.44 10.89
CA GLU A 51 0.44 12.92 9.74
C GLU A 51 -0.70 13.89 9.55
N ILE A 52 -1.14 14.01 8.29
CA ILE A 52 -2.09 15.01 7.92
C ILE A 52 -3.35 14.31 7.41
N LEU A 53 -4.50 14.66 7.95
CA LEU A 53 -5.77 14.19 7.44
C LEU A 53 -6.28 15.36 6.59
N LEU A 54 -6.36 15.16 5.28
CA LEU A 54 -6.68 16.21 4.37
C LEU A 54 -8.04 15.88 3.74
N THR A 55 -9.04 16.67 4.12
CA THR A 55 -10.40 16.49 3.73
C THR A 55 -10.80 17.60 2.79
N SER A 56 -11.42 17.26 1.68
CA SER A 56 -12.06 18.31 0.89
C SER A 56 -13.47 18.51 1.39
N ILE A 57 -13.77 19.73 1.86
CA ILE A 57 -15.09 20.10 2.41
C ILE A 57 -16.21 19.97 1.37
N ASP A 58 -15.97 20.52 0.18
CA ASP A 58 -16.83 20.35 -1.02
C ASP A 58 -17.34 18.96 -1.30
N ARG A 59 -16.51 17.95 -1.09
CA ARG A 59 -16.75 16.66 -1.71
C ARG A 59 -17.24 15.67 -0.71
N ASP A 60 -17.04 16.01 0.55
CA ASP A 60 -17.50 15.18 1.65
C ASP A 60 -18.93 14.80 1.43
N GLY A 61 -19.22 13.51 1.48
CA GLY A 61 -20.59 13.09 1.45
C GLY A 61 -21.11 13.04 0.04
N THR A 62 -20.42 13.65 -0.92
CA THR A 62 -20.76 13.52 -2.36
C THR A 62 -19.89 12.38 -2.83
N LYS A 63 -20.46 11.29 -3.27
CA LYS A 63 -19.59 10.19 -3.58
C LYS A 63 -19.02 10.48 -4.97
N SER A 64 -18.42 11.65 -5.14
CA SER A 64 -17.97 12.08 -6.48
C SER A 64 -16.43 12.11 -6.69
N GLY A 65 -15.69 11.60 -5.69
CA GLY A 65 -14.25 11.49 -5.80
C GLY A 65 -13.56 12.52 -4.93
N TYR A 66 -12.40 12.17 -4.45
CA TYR A 66 -11.53 13.07 -3.68
C TYR A 66 -11.12 14.23 -4.55
N ASP A 67 -10.73 15.34 -3.93
CA ASP A 67 -10.24 16.48 -4.67
C ASP A 67 -8.80 16.19 -5.02
N THR A 68 -8.56 15.49 -6.13
CA THR A 68 -7.18 15.10 -6.53
C THR A 68 -6.26 16.27 -6.87
N GLU A 69 -6.82 17.41 -7.23
CA GLU A 69 -6.02 18.60 -7.47
C GLU A 69 -5.52 19.08 -6.11
N MET A 70 -6.40 19.01 -5.11
CA MET A 70 -6.01 19.39 -3.76
C MET A 70 -4.85 18.50 -3.32
N ILE A 71 -5.01 17.20 -3.44
CA ILE A 71 -3.96 16.27 -3.08
C ILE A 71 -2.68 16.56 -3.85
N ARG A 72 -2.78 16.88 -5.14
CA ARG A 72 -1.56 17.08 -5.87
C ARG A 72 -0.86 18.34 -5.37
N PHE A 73 -1.64 19.31 -4.96
CA PHE A 73 -1.13 20.62 -4.66
C PHE A 73 -0.45 20.60 -3.27
N VAL A 74 -0.91 19.68 -2.41
CA VAL A 74 -0.39 19.52 -1.05
C VAL A 74 0.86 18.61 -0.99
N ARG A 75 0.83 17.53 -1.74
CA ARG A 75 1.92 16.54 -1.80
C ARG A 75 3.37 17.05 -1.75
N PRO A 76 3.74 18.02 -2.62
CA PRO A 76 5.13 18.51 -2.60
C PRO A 76 5.42 19.41 -1.41
N LEU A 77 4.38 19.82 -0.66
CA LEU A 77 4.50 20.77 0.42
C LEU A 77 4.88 20.14 1.76
N THR A 78 4.80 18.81 1.84
CA THR A 78 5.03 18.12 3.07
C THR A 78 5.64 16.74 2.78
N THR A 79 6.39 16.21 3.75
CA THR A 79 6.98 14.86 3.71
C THR A 79 6.12 13.92 4.55
N LEU A 80 5.14 14.47 5.26
CA LEU A 80 4.25 13.69 6.08
C LEU A 80 3.32 12.73 5.33
N PRO A 81 2.92 11.66 6.01
CA PRO A 81 1.87 10.87 5.45
C PRO A 81 0.55 11.68 5.35
N ILE A 82 -0.15 11.49 4.23
CA ILE A 82 -1.39 12.17 3.99
C ILE A 82 -2.48 11.15 3.84
N ILE A 83 -3.57 11.40 4.55
CA ILE A 83 -4.79 10.63 4.46
C ILE A 83 -5.74 11.49 3.64
N ALA A 84 -6.19 10.98 2.51
CA ALA A 84 -7.15 11.72 1.70
C ALA A 84 -8.53 11.34 2.23
N SER A 85 -9.39 12.33 2.46
CA SER A 85 -10.72 12.09 2.96
C SER A 85 -11.65 13.10 2.28
N GLY A 86 -12.88 12.70 2.03
CA GLY A 86 -13.88 13.60 1.45
C GLY A 86 -14.14 13.32 0.00
N GLY A 87 -15.25 12.63 -0.31
CA GLY A 87 -15.58 12.45 -1.74
C GLY A 87 -15.49 11.07 -2.38
N ALA A 88 -15.11 10.06 -1.61
CA ALA A 88 -14.89 8.71 -2.13
C ALA A 88 -16.21 8.08 -2.50
N GLY A 89 -16.30 7.57 -3.72
CA GLY A 89 -17.61 7.12 -4.23
C GLY A 89 -17.51 5.70 -4.76
N LYS A 90 -16.30 5.33 -5.16
CA LYS A 90 -16.04 4.08 -5.80
C LYS A 90 -14.56 3.84 -6.06
N MET A 91 -14.31 2.60 -6.47
CA MET A 91 -12.99 2.06 -6.54
C MET A 91 -11.91 2.94 -7.17
N GLU A 92 -12.18 3.56 -8.31
CA GLU A 92 -11.13 4.34 -9.00
C GLU A 92 -10.75 5.60 -8.28
N HIS A 93 -11.56 6.02 -7.31
CA HIS A 93 -11.21 7.23 -6.54
C HIS A 93 -10.03 7.01 -5.63
N PHE A 94 -10.05 5.88 -4.95
CA PHE A 94 -8.93 5.45 -4.11
C PHE A 94 -7.67 5.44 -4.91
N LEU A 95 -7.78 4.77 -6.04
CA LEU A 95 -6.67 4.63 -6.94
C LEU A 95 -6.14 5.99 -7.37
N GLU A 96 -7.03 6.91 -7.74
CA GLU A 96 -6.57 8.22 -8.18
C GLU A 96 -5.89 9.02 -7.08
N ALA A 97 -6.43 8.92 -5.87
CA ALA A 97 -5.90 9.57 -4.68
C ALA A 97 -4.52 9.05 -4.43
N PHE A 98 -4.38 7.72 -4.42
CA PHE A 98 -3.09 7.14 -4.17
C PHE A 98 -2.06 7.55 -5.20
N LEU A 99 -2.46 7.57 -6.45
CA LEU A 99 -1.53 7.93 -7.52
C LEU A 99 -0.98 9.33 -7.38
N ARG A 100 -1.80 10.18 -6.78
CA ARG A 100 -1.50 11.57 -6.56
C ARG A 100 -0.61 11.86 -5.35
N GLY A 101 -0.31 10.86 -4.55
CA GLY A 101 0.45 11.14 -3.34
C GLY A 101 -0.19 10.79 -2.01
N ALA A 102 -1.47 10.47 -2.00
CA ALA A 102 -2.12 10.07 -0.74
C ALA A 102 -1.45 8.81 -0.24
N ASP A 103 -1.06 8.77 1.02
CA ASP A 103 -0.57 7.53 1.62
C ASP A 103 -1.66 6.61 2.10
N LYS A 104 -2.79 7.16 2.51
CA LYS A 104 -3.96 6.38 2.96
C LYS A 104 -5.18 7.10 2.45
N VAL A 105 -6.25 6.34 2.28
CA VAL A 105 -7.51 6.94 1.84
C VAL A 105 -8.56 6.64 2.87
N SER A 106 -9.43 7.62 3.15
CA SER A 106 -10.57 7.41 4.08
C SER A 106 -11.92 7.25 3.39
N ILE A 107 -12.85 6.53 4.00
CA ILE A 107 -14.18 6.37 3.41
C ILE A 107 -15.12 6.38 4.58
N ASN A 108 -16.25 7.04 4.41
CA ASN A 108 -17.31 7.01 5.39
C ASN A 108 -18.59 6.64 4.65
N THR A 109 -19.09 7.63 3.91
CA THR A 109 -20.49 7.59 3.45
C THR A 109 -20.76 6.37 2.61
N ALA A 110 -19.94 6.21 1.58
CA ALA A 110 -19.95 5.04 0.70
C ALA A 110 -19.70 3.69 1.41
N ALA A 111 -18.84 3.65 2.41
CA ALA A 111 -18.67 2.44 3.21
C ALA A 111 -19.92 2.07 4.03
N VAL A 112 -20.73 3.05 4.42
CA VAL A 112 -21.84 2.72 5.26
C VAL A 112 -22.93 2.21 4.37
N GLU A 113 -22.95 2.76 3.17
CA GLU A 113 -23.78 2.25 2.15
C GLU A 113 -23.10 0.96 1.67
N ASN A 114 -22.03 0.98 0.87
CA ASN A 114 -21.56 -0.30 0.27
C ASN A 114 -20.40 -1.00 1.00
N PRO A 115 -20.67 -1.64 2.16
CA PRO A 115 -19.49 -2.04 2.97
C PRO A 115 -18.46 -2.87 2.20
N SER A 116 -18.87 -3.48 1.08
CA SER A 116 -17.98 -4.30 0.26
C SER A 116 -16.92 -3.47 -0.49
N LEU A 117 -17.09 -2.16 -0.47
CA LEU A 117 -16.09 -1.24 -0.98
C LEU A 117 -14.81 -1.35 -0.13
N ILE A 118 -15.00 -1.42 1.18
CA ILE A 118 -13.90 -1.60 2.15
C ILE A 118 -13.07 -2.81 1.74
N THR A 119 -13.76 -3.90 1.46
CA THR A 119 -13.12 -5.16 1.08
C THR A 119 -12.44 -5.02 -0.26
N GLN A 120 -13.12 -4.38 -1.20
CA GLN A 120 -12.57 -4.21 -2.55
C GLN A 120 -11.23 -3.45 -2.53
N ILE A 121 -11.19 -2.29 -1.91
CA ILE A 121 -9.93 -1.56 -1.88
C ILE A 121 -8.86 -2.25 -1.03
N ALA A 122 -9.24 -2.83 0.10
CA ALA A 122 -8.33 -3.50 1.00
C ALA A 122 -7.62 -4.63 0.29
N GLN A 123 -8.41 -5.54 -0.28
CA GLN A 123 -7.95 -6.71 -1.01
C GLN A 123 -6.96 -6.34 -2.13
N THR A 124 -7.18 -5.19 -2.74
CA THR A 124 -6.40 -4.70 -3.85
C THR A 124 -5.11 -4.03 -3.50
N PHE A 125 -5.11 -3.25 -2.45
CA PHE A 125 -3.87 -2.73 -1.89
C PHE A 125 -3.12 -3.77 -1.11
N GLY A 126 -3.78 -4.39 -0.14
CA GLY A 126 -3.14 -5.29 0.82
C GLY A 126 -2.17 -4.56 1.74
N SER B 6 -4.50 -2.30 2.41
CA SER B 6 -5.05 -2.70 3.71
C SER B 6 -4.50 -1.88 4.87
N GLN B 7 -3.40 -1.40 5.31
CA GLN B 7 -2.98 -0.31 6.17
C GLN B 7 -3.41 0.99 5.58
N ALA B 8 -3.60 0.96 4.30
CA ALA B 8 -3.86 2.10 3.51
C ALA B 8 -5.32 2.47 3.54
N VAL B 9 -6.13 1.69 4.24
CA VAL B 9 -7.55 1.94 4.22
C VAL B 9 -8.13 2.37 5.55
N VAL B 10 -8.64 3.57 5.60
CA VAL B 10 -9.19 4.09 6.80
C VAL B 10 -10.65 4.19 6.64
N VAL B 11 -11.36 3.72 7.61
CA VAL B 11 -12.74 4.01 7.63
C VAL B 11 -13.03 5.02 8.71
N ALA B 12 -13.61 6.11 8.30
CA ALA B 12 -14.05 7.14 9.18
C ALA B 12 -15.44 6.91 9.67
N ILE B 13 -15.61 6.87 10.97
CA ILE B 13 -16.91 6.83 11.59
C ILE B 13 -17.20 8.10 12.33
N ASP B 14 -18.19 8.84 11.86
CA ASP B 14 -18.75 9.99 12.55
C ASP B 14 -19.90 9.57 13.47
N ALA B 15 -19.82 9.73 14.76
CA ALA B 15 -20.86 9.25 15.65
C ALA B 15 -21.37 10.23 16.71
N LYS B 16 -22.66 10.17 17.04
CA LYS B 16 -23.22 10.81 18.26
C LYS B 16 -24.33 10.08 19.04
N ARG B 17 -24.36 10.33 20.34
CA ARG B 17 -25.30 9.72 21.25
C ARG B 17 -26.76 9.95 20.89
N VAL B 18 -27.62 9.18 21.52
CA VAL B 18 -29.05 9.28 21.37
C VAL B 18 -29.66 8.28 22.33
N ASP B 19 -30.55 8.71 23.18
CA ASP B 19 -31.26 7.74 23.97
C ASP B 19 -30.35 7.14 24.96
N GLY B 20 -29.08 7.51 24.86
CA GLY B 20 -28.02 6.89 25.62
C GLY B 20 -27.20 6.07 24.65
N GLU B 21 -27.65 5.94 23.39
CA GLU B 21 -26.98 5.09 22.40
C GLU B 21 -26.36 5.70 21.10
N PHE B 22 -25.17 5.22 20.76
CA PHE B 22 -24.35 5.76 19.69
C PHE B 22 -24.75 5.38 18.27
N MET B 23 -25.05 6.36 17.42
CA MET B 23 -25.42 6.09 16.03
C MET B 23 -24.43 6.59 14.99
N VAL B 24 -24.62 6.23 13.74
CA VAL B 24 -23.67 6.46 12.71
C VAL B 24 -24.22 7.33 11.60
N PHE B 25 -23.71 8.44 11.22
CA PHE B 25 -24.23 9.43 10.29
C PHE B 25 -23.39 9.56 9.05
N THR B 26 -23.99 9.94 7.97
CA THR B 26 -23.18 10.09 6.85
C THR B 26 -23.51 11.39 6.27
N TYR B 27 -22.99 11.64 5.12
CA TYR B 27 -23.19 12.94 4.53
C TYR B 27 -22.87 13.96 5.58
N SER B 28 -21.61 14.37 5.63
CA SER B 28 -21.09 15.31 6.63
C SER B 28 -21.82 15.40 7.97
N GLY B 29 -22.03 14.28 8.65
CA GLY B 29 -22.56 14.30 9.99
C GLY B 29 -24.02 14.64 10.05
N LYS B 30 -24.62 14.65 8.88
CA LYS B 30 -25.92 15.19 8.63
C LYS B 30 -27.01 14.16 8.75
N LYS B 31 -26.93 13.15 7.90
CA LYS B 31 -27.94 12.10 7.79
C LYS B 31 -27.73 10.94 8.73
N ASN B 32 -28.50 10.91 9.82
CA ASN B 32 -28.40 9.87 10.79
C ASN B 32 -28.81 8.62 10.09
N THR B 33 -28.33 7.48 10.54
CA THR B 33 -28.21 6.33 9.71
C THR B 33 -29.06 5.14 10.10
N GLY B 34 -29.27 4.99 11.39
CA GLY B 34 -29.84 3.79 11.92
C GLY B 34 -28.88 2.99 12.74
N ILE B 35 -27.70 2.75 12.17
CA ILE B 35 -26.82 1.73 12.68
C ILE B 35 -26.23 2.03 13.99
N LEU B 36 -26.07 1.06 14.83
CA LEU B 36 -25.44 1.34 16.06
C LEU B 36 -23.95 1.35 15.90
N LEU B 37 -23.30 2.17 16.68
CA LEU B 37 -21.89 2.30 16.50
C LEU B 37 -21.31 0.98 16.81
N ARG B 38 -21.70 0.44 17.97
CA ARG B 38 -21.13 -0.79 18.48
C ARG B 38 -21.32 -1.95 17.54
N ASP B 39 -22.08 -1.75 16.48
CA ASP B 39 -22.13 -2.76 15.49
C ASP B 39 -21.41 -2.31 14.26
N TRP B 40 -21.26 -1.04 14.04
CA TRP B 40 -20.53 -0.67 12.83
C TRP B 40 -19.03 -0.92 13.00
N VAL B 41 -18.56 -0.85 14.21
CA VAL B 41 -17.17 -0.87 14.50
C VAL B 41 -16.73 -2.29 14.31
N VAL B 42 -17.62 -3.21 14.63
CA VAL B 42 -17.35 -4.61 14.41
C VAL B 42 -17.35 -4.97 12.96
N GLU B 43 -18.31 -4.50 12.23
CA GLU B 43 -18.38 -4.82 10.83
C GLU B 43 -17.26 -4.27 9.99
N VAL B 44 -16.69 -3.17 10.45
CA VAL B 44 -15.68 -2.46 9.73
C VAL B 44 -14.39 -3.22 9.80
N GLU B 45 -14.10 -3.79 10.93
CA GLU B 45 -12.96 -4.67 11.05
C GLU B 45 -13.13 -5.95 10.22
N LYS B 46 -14.29 -6.55 10.29
CA LYS B 46 -14.57 -7.75 9.53
C LYS B 46 -14.30 -7.51 8.12
N ARG B 47 -14.81 -6.43 7.60
CA ARG B 47 -14.66 -6.13 6.21
C ARG B 47 -13.26 -5.75 5.77
N GLY B 48 -12.34 -5.58 6.70
CA GLY B 48 -10.98 -5.42 6.29
C GLY B 48 -10.28 -4.09 6.35
N ALA B 49 -10.90 -3.10 6.96
CA ALA B 49 -10.28 -1.79 7.11
C ALA B 49 -9.03 -1.87 7.88
N GLY B 50 -8.14 -0.93 7.65
CA GLY B 50 -6.93 -0.89 8.39
C GLY B 50 -6.99 -0.11 9.65
N GLU B 51 -7.86 0.85 9.73
CA GLU B 51 -7.81 1.78 10.79
C GLU B 51 -9.09 2.57 10.85
N ILE B 52 -9.46 2.97 12.03
CA ILE B 52 -10.68 3.72 12.20
C ILE B 52 -10.44 5.14 12.64
N LEU B 53 -10.96 6.10 11.86
CA LEU B 53 -11.06 7.49 12.30
C LEU B 53 -12.35 7.63 13.09
N LEU B 54 -12.30 7.73 14.41
CA LEU B 54 -13.55 7.80 15.17
C LEU B 54 -13.86 9.27 15.57
N THR B 55 -14.82 9.92 14.92
CA THR B 55 -15.12 11.33 15.23
C THR B 55 -16.43 11.49 16.01
N SER B 56 -16.38 12.17 17.14
CA SER B 56 -17.61 12.56 17.88
C SER B 56 -18.19 13.84 17.28
N ILE B 57 -19.28 13.72 16.56
CA ILE B 57 -19.99 14.85 15.97
C ILE B 57 -20.31 15.95 16.98
N ASP B 58 -20.63 15.56 18.21
CA ASP B 58 -21.06 16.49 19.25
C ASP B 58 -19.91 17.32 19.81
N ARG B 59 -18.68 16.80 19.70
CA ARG B 59 -17.54 17.50 20.26
C ARG B 59 -16.77 18.32 19.25
N ASP B 60 -16.95 18.02 17.97
CA ASP B 60 -16.08 18.63 16.93
C ASP B 60 -16.26 20.15 16.96
N GLY B 61 -15.17 20.91 16.85
CA GLY B 61 -15.26 22.36 16.93
C GLY B 61 -15.33 22.92 18.36
N THR B 62 -15.82 22.17 19.32
CA THR B 62 -15.83 22.67 20.68
C THR B 62 -14.37 22.34 21.02
N LYS B 63 -13.78 23.01 21.98
CA LYS B 63 -12.41 22.64 22.29
C LYS B 63 -12.59 22.06 23.69
N SER B 64 -13.61 21.24 23.85
CA SER B 64 -14.06 20.90 25.22
C SER B 64 -13.63 19.52 25.67
N GLY B 65 -12.86 18.85 24.82
CA GLY B 65 -12.25 17.54 25.15
C GLY B 65 -12.80 16.55 24.16
N TYR B 66 -12.05 15.50 23.85
CA TYR B 66 -12.54 14.40 23.04
C TYR B 66 -13.60 13.68 23.83
N ASP B 67 -14.46 12.93 23.13
CA ASP B 67 -15.51 12.15 23.80
C ASP B 67 -14.92 10.86 24.33
N THR B 68 -14.36 10.89 25.54
CA THR B 68 -13.63 9.75 26.08
C THR B 68 -14.51 8.57 26.45
N GLU B 69 -15.79 8.84 26.67
CA GLU B 69 -16.76 7.71 26.78
C GLU B 69 -16.99 6.95 25.44
N MET B 70 -17.09 7.67 24.34
CA MET B 70 -17.25 7.01 23.07
C MET B 70 -15.96 6.17 22.81
N ILE B 71 -14.80 6.74 23.05
CA ILE B 71 -13.53 5.99 22.89
C ILE B 71 -13.43 4.74 23.77
N ARG B 72 -13.66 4.92 25.06
CA ARG B 72 -13.47 3.85 26.00
C ARG B 72 -14.47 2.80 25.69
N PHE B 73 -15.56 3.24 25.14
CA PHE B 73 -16.56 2.37 24.67
C PHE B 73 -16.12 1.50 23.52
N VAL B 74 -15.57 2.10 22.46
CA VAL B 74 -15.45 1.46 21.14
C VAL B 74 -14.27 0.52 21.14
N ARG B 75 -13.36 0.78 22.08
CA ARG B 75 -12.06 0.18 22.12
C ARG B 75 -12.10 -1.34 22.26
N PRO B 76 -12.92 -1.87 23.19
CA PRO B 76 -12.94 -3.32 23.31
C PRO B 76 -13.52 -4.05 22.08
N LEU B 77 -14.29 -3.34 21.26
CA LEU B 77 -14.91 -3.95 20.09
C LEU B 77 -14.01 -4.23 18.89
N THR B 78 -12.73 -3.86 18.96
CA THR B 78 -11.89 -3.82 17.75
C THR B 78 -10.43 -3.91 18.11
N THR B 79 -9.62 -4.53 17.25
CA THR B 79 -8.18 -4.49 17.36
C THR B 79 -7.54 -3.45 16.44
N LEU B 80 -8.31 -2.80 15.59
CA LEU B 80 -7.69 -1.82 14.65
C LEU B 80 -7.21 -0.64 15.43
N PRO B 81 -6.21 0.09 14.90
CA PRO B 81 -5.90 1.33 15.56
C PRO B 81 -7.01 2.39 15.40
N ILE B 82 -7.12 3.28 16.35
CA ILE B 82 -8.24 4.20 16.38
C ILE B 82 -7.63 5.58 16.43
N ILE B 83 -8.06 6.46 15.53
CA ILE B 83 -7.67 7.84 15.59
C ILE B 83 -8.83 8.57 16.25
N ALA B 84 -8.65 9.13 17.45
CA ALA B 84 -9.72 9.94 18.04
C ALA B 84 -9.74 11.36 17.45
N SER B 85 -10.94 11.84 17.18
CA SER B 85 -11.07 13.16 16.56
C SER B 85 -12.29 13.85 17.08
N GLY B 86 -12.17 15.18 17.28
CA GLY B 86 -13.33 15.98 17.62
C GLY B 86 -13.28 16.43 19.05
N GLY B 87 -13.14 17.73 19.24
CA GLY B 87 -13.18 18.27 20.59
C GLY B 87 -11.85 18.62 21.22
N ALA B 88 -10.73 18.28 20.58
CA ALA B 88 -9.41 18.54 21.22
C ALA B 88 -9.22 20.02 21.56
N GLY B 89 -8.75 20.31 22.77
CA GLY B 89 -8.73 21.69 23.18
C GLY B 89 -7.49 22.13 23.96
N LYS B 90 -6.85 21.16 24.59
CA LYS B 90 -5.71 21.41 25.44
C LYS B 90 -5.03 20.09 25.67
N MET B 91 -3.85 20.19 26.27
CA MET B 91 -2.90 19.11 26.31
C MET B 91 -3.41 17.87 27.04
N GLU B 92 -4.18 18.06 28.10
CA GLU B 92 -4.67 16.89 28.87
C GLU B 92 -5.73 16.11 28.10
N HIS B 93 -6.40 16.77 27.16
CA HIS B 93 -7.37 16.08 26.29
C HIS B 93 -6.78 14.93 25.50
N PHE B 94 -5.62 15.17 24.92
CA PHE B 94 -4.89 14.11 24.21
C PHE B 94 -4.57 12.96 25.08
N LEU B 95 -4.22 13.27 26.33
CA LEU B 95 -3.68 12.29 27.26
C LEU B 95 -4.82 11.42 27.69
N GLU B 96 -5.90 12.04 28.08
CA GLU B 96 -7.12 11.32 28.34
C GLU B 96 -7.53 10.40 27.19
N ALA B 97 -7.43 10.87 25.94
CA ALA B 97 -7.84 10.05 24.79
C ALA B 97 -6.91 8.86 24.58
N PHE B 98 -5.61 9.02 24.76
CA PHE B 98 -4.66 7.89 24.68
C PHE B 98 -4.91 6.84 25.78
N LEU B 99 -5.28 7.36 26.94
CA LEU B 99 -5.50 6.53 28.09
C LEU B 99 -6.75 5.69 27.93
N ARG B 100 -7.72 6.20 27.21
CA ARG B 100 -8.89 5.40 26.90
C ARG B 100 -8.63 4.45 25.74
N GLY B 101 -7.44 4.47 25.16
CA GLY B 101 -7.10 3.52 24.11
C GLY B 101 -7.04 4.03 22.67
N ALA B 102 -7.31 5.31 22.45
CA ALA B 102 -6.93 5.95 21.17
C ALA B 102 -5.48 5.60 20.86
N ASP B 103 -5.21 5.24 19.62
CA ASP B 103 -3.82 5.15 19.16
C ASP B 103 -3.27 6.44 18.57
N LYS B 104 -4.11 7.27 17.96
CA LYS B 104 -3.60 8.53 17.45
C LYS B 104 -4.61 9.53 17.86
N VAL B 105 -4.22 10.80 17.91
CA VAL B 105 -5.16 11.84 18.18
C VAL B 105 -5.06 12.87 17.08
N SER B 106 -6.22 13.45 16.76
CA SER B 106 -6.33 14.40 15.66
C SER B 106 -6.79 15.72 16.23
N ILE B 107 -6.23 16.81 15.74
CA ILE B 107 -6.63 18.13 16.15
C ILE B 107 -6.80 18.98 14.92
N ASN B 108 -7.75 19.90 14.94
CA ASN B 108 -7.97 20.83 13.85
C ASN B 108 -8.20 22.23 14.42
N THR B 109 -9.42 22.50 14.89
CA THR B 109 -9.78 23.83 15.35
C THR B 109 -8.79 24.48 16.38
N ALA B 110 -8.53 23.79 17.48
CA ALA B 110 -7.59 24.29 18.48
C ALA B 110 -6.13 24.48 17.99
N ALA B 111 -5.69 23.69 17.01
CA ALA B 111 -4.35 23.81 16.40
C ALA B 111 -4.23 25.04 15.53
N VAL B 112 -5.23 25.30 14.72
CA VAL B 112 -5.22 26.51 13.94
C VAL B 112 -5.15 27.70 14.88
N GLU B 113 -5.88 27.62 15.99
CA GLU B 113 -5.88 28.75 16.91
C GLU B 113 -4.61 28.80 17.78
N ASN B 114 -4.08 27.65 18.22
CA ASN B 114 -2.76 27.66 18.93
C ASN B 114 -1.81 26.59 18.36
N PRO B 115 -1.12 26.93 17.26
CA PRO B 115 -0.35 25.89 16.61
C PRO B 115 0.64 25.27 17.53
N SER B 116 0.99 25.94 18.63
CA SER B 116 1.79 25.30 19.65
C SER B 116 1.16 24.09 20.36
N LEU B 117 -0.16 23.97 20.28
CA LEU B 117 -0.76 22.70 20.75
C LEU B 117 -0.17 21.49 20.04
N ILE B 118 0.14 21.63 18.75
CA ILE B 118 0.80 20.54 18.02
C ILE B 118 2.13 20.11 18.68
N THR B 119 2.91 21.11 19.05
CA THR B 119 4.23 20.95 19.60
C THR B 119 4.16 20.34 20.99
N GLN B 120 3.26 20.82 21.84
CA GLN B 120 3.04 20.20 23.16
C GLN B 120 2.87 18.68 23.15
N ILE B 121 1.95 18.16 22.36
CA ILE B 121 1.72 16.73 22.32
C ILE B 121 2.79 15.96 21.51
N ALA B 122 3.26 16.55 20.42
CA ALA B 122 4.20 15.92 19.50
C ALA B 122 5.54 15.64 20.19
N GLN B 123 6.04 16.58 21.00
CA GLN B 123 7.35 16.41 21.65
C GLN B 123 7.30 15.47 22.87
N THR B 124 6.10 15.08 23.29
CA THR B 124 5.97 14.14 24.38
C THR B 124 5.64 12.84 23.72
N PHE B 125 5.20 12.96 22.45
CA PHE B 125 5.08 11.90 21.37
C PHE B 125 3.66 11.60 20.87
N SER C 6 19.65 3.23 -28.58
CA SER C 6 19.66 2.89 -27.17
C SER C 6 18.25 2.76 -26.57
N GLN C 7 17.42 3.72 -26.90
CA GLN C 7 16.08 3.78 -26.44
C GLN C 7 15.22 3.44 -27.61
N ALA C 8 15.87 2.95 -28.66
CA ALA C 8 15.22 2.75 -29.92
C ALA C 8 14.48 1.44 -30.00
N VAL C 9 14.63 0.59 -29.01
CA VAL C 9 14.05 -0.71 -29.10
C VAL C 9 13.02 -1.07 -28.08
N VAL C 10 11.87 -1.42 -28.53
CA VAL C 10 10.89 -1.90 -27.65
C VAL C 10 10.83 -3.35 -27.91
N VAL C 11 10.83 -4.13 -26.87
CA VAL C 11 10.56 -5.50 -27.01
C VAL C 11 9.23 -5.69 -26.50
N ALA C 12 8.39 -6.18 -27.35
CA ALA C 12 7.10 -6.60 -26.99
C ALA C 12 7.11 -8.07 -26.62
N ILE C 13 6.43 -8.41 -25.55
CA ILE C 13 6.39 -9.75 -25.09
C ILE C 13 5.00 -10.20 -24.84
N ASP C 14 4.64 -11.32 -25.42
CA ASP C 14 3.38 -12.02 -25.20
C ASP C 14 3.61 -13.22 -24.27
N ALA C 15 2.94 -13.20 -23.14
CA ALA C 15 3.11 -14.25 -22.16
C ALA C 15 1.76 -14.80 -21.66
N LYS C 16 1.76 -16.03 -21.19
CA LYS C 16 0.66 -16.54 -20.36
C LYS C 16 1.08 -17.72 -19.49
N ARG C 17 0.19 -18.08 -18.56
CA ARG C 17 0.37 -19.14 -17.58
C ARG C 17 0.26 -20.46 -18.26
N VAL C 18 1.27 -21.30 -18.07
CA VAL C 18 1.27 -22.66 -18.53
C VAL C 18 1.95 -23.39 -17.39
N ASP C 19 1.32 -24.45 -16.90
CA ASP C 19 1.88 -25.26 -15.81
C ASP C 19 2.16 -24.34 -14.61
N GLY C 20 1.39 -23.25 -14.50
CA GLY C 20 1.57 -22.25 -13.45
C GLY C 20 2.82 -21.40 -13.57
N GLU C 21 3.45 -21.43 -14.74
CA GLU C 21 4.57 -20.55 -14.97
C GLU C 21 4.30 -19.72 -16.20
N PHE C 22 4.67 -18.45 -16.15
CA PHE C 22 4.46 -17.54 -17.27
C PHE C 22 5.49 -17.85 -18.34
N MET C 23 5.01 -18.08 -19.56
CA MET C 23 5.86 -18.34 -20.71
C MET C 23 5.65 -17.43 -21.91
N VAL C 24 6.71 -17.28 -22.67
CA VAL C 24 6.74 -16.46 -23.86
C VAL C 24 6.24 -17.23 -25.10
N PHE C 25 5.27 -16.63 -25.77
CA PHE C 25 4.71 -17.17 -27.00
C PHE C 25 5.06 -16.22 -28.14
N THR C 26 5.42 -16.75 -29.29
CA THR C 26 5.69 -15.92 -30.48
C THR C 26 4.61 -16.18 -31.53
N TYR C 27 4.72 -15.53 -32.70
CA TYR C 27 3.74 -15.72 -33.78
C TYR C 27 2.33 -15.34 -33.31
N SER C 28 2.18 -14.06 -32.98
CA SER C 28 0.93 -13.50 -32.49
C SER C 28 0.30 -14.28 -31.33
N GLY C 29 1.13 -14.82 -30.46
CA GLY C 29 0.62 -15.49 -29.26
C GLY C 29 0.26 -16.97 -29.30
N LYS C 30 0.54 -17.61 -30.45
CA LYS C 30 0.16 -18.99 -30.71
C LYS C 30 1.19 -20.05 -30.29
N LYS C 31 2.45 -19.67 -30.26
CA LYS C 31 3.52 -20.62 -30.15
C LYS C 31 4.20 -20.53 -28.84
N ASN C 32 4.01 -21.51 -28.00
CA ASN C 32 4.74 -21.58 -26.76
C ASN C 32 6.23 -21.89 -26.98
N THR C 33 7.09 -20.99 -26.61
CA THR C 33 8.50 -21.21 -26.83
C THR C 33 9.10 -22.09 -25.75
N GLY C 34 8.41 -22.15 -24.61
CA GLY C 34 8.95 -22.82 -23.42
C GLY C 34 10.00 -21.95 -22.72
N ILE C 35 10.27 -20.77 -23.26
CA ILE C 35 11.12 -19.80 -22.60
C ILE C 35 10.27 -19.17 -21.49
N LEU C 36 10.87 -19.07 -20.30
CA LEU C 36 10.23 -18.46 -19.12
C LEU C 36 10.25 -16.93 -19.14
N LEU C 37 9.12 -16.29 -18.84
CA LEU C 37 9.07 -14.85 -18.80
C LEU C 37 10.18 -14.27 -17.95
N ARG C 38 10.43 -14.78 -16.76
CA ARG C 38 11.42 -14.17 -15.93
C ARG C 38 12.75 -14.17 -16.58
N ASP C 39 13.09 -15.24 -17.24
CA ASP C 39 14.35 -15.24 -17.94
C ASP C 39 14.31 -14.32 -19.17
N TRP C 40 13.18 -14.26 -19.88
CA TRP C 40 13.15 -13.42 -21.10
C TRP C 40 13.33 -11.94 -20.78
N VAL C 41 12.57 -11.47 -19.80
CA VAL C 41 12.68 -10.08 -19.33
C VAL C 41 14.15 -9.71 -18.97
N VAL C 42 14.82 -10.57 -18.20
CA VAL C 42 16.22 -10.34 -17.87
C VAL C 42 17.10 -10.30 -19.15
N GLU C 43 17.10 -11.37 -19.94
CA GLU C 43 17.92 -11.42 -21.16
C GLU C 43 17.69 -10.20 -22.07
N VAL C 44 16.45 -9.77 -22.15
CA VAL C 44 16.04 -8.64 -23.01
C VAL C 44 16.63 -7.27 -22.61
N GLU C 45 16.71 -7.00 -21.30
CA GLU C 45 17.42 -5.85 -20.76
C GLU C 45 18.94 -5.87 -20.99
N LYS C 46 19.59 -7.00 -20.65
CA LYS C 46 21.02 -7.17 -20.92
C LYS C 46 21.32 -6.88 -22.36
N ARG C 47 20.50 -7.44 -23.24
CA ARG C 47 20.78 -7.34 -24.66
C ARG C 47 20.56 -5.90 -25.06
N GLY C 48 20.10 -5.06 -24.12
CA GLY C 48 19.98 -3.63 -24.33
C GLY C 48 18.66 -3.10 -24.85
N ALA C 49 17.53 -3.77 -24.56
CA ALA C 49 16.19 -3.29 -24.90
C ALA C 49 15.87 -1.95 -24.24
N GLY C 50 15.06 -1.13 -24.92
CA GLY C 50 14.68 0.16 -24.41
C GLY C 50 13.54 0.05 -23.42
N GLU C 51 12.42 -0.52 -23.84
CA GLU C 51 11.28 -0.72 -22.94
C GLU C 51 10.55 -1.98 -23.36
N ILE C 52 9.55 -2.36 -22.58
CA ILE C 52 8.90 -3.59 -22.80
C ILE C 52 7.44 -3.39 -22.94
N LEU C 53 6.89 -3.97 -24.00
CA LEU C 53 5.44 -3.91 -24.20
C LEU C 53 5.01 -5.28 -23.71
N LEU C 54 4.37 -5.31 -22.55
CA LEU C 54 3.88 -6.51 -21.93
C LEU C 54 2.40 -6.73 -22.25
N THR C 55 2.09 -7.86 -22.88
CA THR C 55 0.69 -8.22 -23.19
C THR C 55 0.33 -9.57 -22.59
N SER C 56 -0.83 -9.63 -21.94
CA SER C 56 -1.31 -10.90 -21.46
C SER C 56 -2.21 -11.56 -22.49
N ILE C 57 -1.73 -12.65 -23.06
CA ILE C 57 -2.29 -13.26 -24.24
C ILE C 57 -3.68 -13.82 -24.00
N ASP C 58 -3.94 -14.26 -22.79
CA ASP C 58 -5.26 -14.74 -22.50
C ASP C 58 -6.22 -13.58 -22.24
N ARG C 59 -5.83 -12.69 -21.33
CA ARG C 59 -6.64 -11.53 -21.03
C ARG C 59 -6.68 -10.61 -22.24
N ASP C 60 -5.61 -10.65 -23.03
CA ASP C 60 -5.50 -9.86 -24.24
C ASP C 60 -6.86 -9.68 -24.88
N GLY C 61 -7.12 -8.50 -25.43
CA GLY C 61 -8.31 -8.26 -26.22
C GLY C 61 -9.60 -8.08 -25.44
N THR C 62 -9.96 -9.08 -24.63
CA THR C 62 -11.11 -8.93 -23.78
C THR C 62 -11.00 -7.56 -23.16
N LYS C 63 -12.14 -6.92 -22.90
CA LYS C 63 -12.09 -5.63 -22.23
C LYS C 63 -12.40 -5.85 -20.77
N SER C 64 -11.38 -6.24 -20.01
CA SER C 64 -11.59 -6.66 -18.63
C SER C 64 -10.39 -6.39 -17.74
N GLY C 65 -9.53 -5.45 -18.12
CA GLY C 65 -8.44 -5.10 -17.25
C GLY C 65 -7.23 -5.98 -17.44
N TYR C 66 -6.15 -5.35 -17.82
CA TYR C 66 -4.85 -5.94 -17.81
C TYR C 66 -4.66 -7.12 -16.87
N ASP C 67 -3.68 -7.95 -17.16
CA ASP C 67 -3.36 -9.06 -16.32
C ASP C 67 -2.46 -8.65 -15.21
N THR C 68 -3.04 -8.25 -14.09
CA THR C 68 -2.35 -7.54 -13.02
C THR C 68 -1.38 -8.39 -12.22
N GLU C 69 -1.63 -9.68 -12.10
CA GLU C 69 -0.62 -10.56 -11.52
C GLU C 69 0.65 -10.65 -12.38
N MET C 70 0.51 -10.50 -13.71
CA MET C 70 1.65 -10.58 -14.61
C MET C 70 2.56 -9.37 -14.49
N ILE C 71 1.94 -8.20 -14.42
CA ILE C 71 2.66 -6.97 -14.14
C ILE C 71 3.44 -7.02 -12.81
N ARG C 72 2.83 -7.56 -11.76
CA ARG C 72 3.47 -7.58 -10.44
C ARG C 72 4.68 -8.48 -10.51
N PHE C 73 4.49 -9.68 -11.04
CA PHE C 73 5.57 -10.61 -11.27
C PHE C 73 6.76 -9.99 -12.04
N VAL C 74 6.46 -9.22 -13.12
CA VAL C 74 7.50 -8.67 -14.02
C VAL C 74 8.22 -7.47 -13.43
N ARG C 75 7.50 -6.62 -12.70
CA ARG C 75 8.02 -5.34 -12.26
C ARG C 75 9.36 -5.42 -11.47
N PRO C 76 9.50 -6.35 -10.51
CA PRO C 76 10.78 -6.43 -9.82
C PRO C 76 11.89 -7.09 -10.65
N LEU C 77 11.57 -7.62 -11.82
CA LEU C 77 12.56 -8.31 -12.63
C LEU C 77 13.38 -7.32 -13.45
N THR C 78 12.89 -6.09 -13.58
CA THR C 78 13.52 -5.15 -14.48
C THR C 78 13.31 -3.70 -14.11
N THR C 79 14.27 -2.87 -14.48
CA THR C 79 14.17 -1.44 -14.24
C THR C 79 13.71 -0.66 -15.48
N LEU C 80 13.46 -1.35 -16.61
CA LEU C 80 13.04 -0.66 -17.84
C LEU C 80 11.59 -0.18 -17.76
N PRO C 81 11.21 0.78 -18.61
CA PRO C 81 9.79 1.14 -18.64
C PRO C 81 8.94 -0.01 -19.17
N ILE C 82 7.85 -0.29 -18.47
CA ILE C 82 6.91 -1.30 -18.89
C ILE C 82 5.67 -0.63 -19.40
N ILE C 83 5.34 -0.91 -20.66
CA ILE C 83 4.06 -0.61 -21.24
C ILE C 83 3.11 -1.81 -21.04
N ALA C 84 1.88 -1.58 -20.60
CA ALA C 84 0.80 -2.62 -20.57
C ALA C 84 -0.37 -2.59 -21.64
N SER C 85 -0.93 -3.78 -22.00
CA SER C 85 -1.93 -4.17 -22.99
C SER C 85 -2.76 -5.31 -22.56
N GLY C 86 -3.85 -5.31 -23.27
CA GLY C 86 -4.49 -6.52 -23.49
C GLY C 86 -5.61 -6.34 -22.58
N GLY C 87 -6.65 -5.78 -23.13
CA GLY C 87 -7.86 -6.15 -22.46
C GLY C 87 -8.25 -4.96 -21.66
N ALA C 88 -7.76 -3.79 -22.06
CA ALA C 88 -7.92 -2.62 -21.23
C ALA C 88 -8.99 -1.71 -21.72
N GLY C 89 -10.11 -1.73 -21.04
CA GLY C 89 -11.22 -0.87 -21.41
C GLY C 89 -12.03 -0.26 -20.26
N LYS C 90 -11.77 1.03 -19.49
CA LYS C 90 -12.23 1.81 -18.34
C LYS C 90 -11.10 2.27 -17.41
N MET C 91 -11.42 3.19 -16.53
CA MET C 91 -10.46 3.72 -15.61
C MET C 91 -9.89 2.73 -14.63
N GLU C 92 -10.76 2.10 -13.92
CA GLU C 92 -10.33 1.24 -12.86
C GLU C 92 -9.14 0.42 -13.32
N HIS C 93 -9.28 -0.16 -14.51
CA HIS C 93 -8.31 -1.08 -15.07
C HIS C 93 -6.96 -0.41 -15.36
N PHE C 94 -6.99 0.74 -15.96
CA PHE C 94 -5.77 1.39 -16.23
C PHE C 94 -5.18 1.81 -14.96
N LEU C 95 -6.02 2.00 -13.95
CA LEU C 95 -5.53 2.50 -12.69
C LEU C 95 -4.78 1.42 -11.95
N GLU C 96 -5.31 0.21 -11.93
CA GLU C 96 -4.58 -0.82 -11.30
C GLU C 96 -3.26 -1.07 -12.02
N ALA C 97 -3.14 -0.73 -13.28
CA ALA C 97 -1.93 -1.08 -13.94
C ALA C 97 -0.83 -0.24 -13.48
N PHE C 98 -1.10 1.01 -13.27
CA PHE C 98 -0.03 1.86 -12.86
C PHE C 98 0.36 1.55 -11.45
N LEU C 99 -0.54 1.00 -10.69
CA LEU C 99 -0.30 0.75 -9.31
C LEU C 99 0.58 -0.46 -9.10
N ARG C 100 0.62 -1.34 -10.08
CA ARG C 100 1.19 -2.65 -9.98
C ARG C 100 2.47 -2.45 -10.66
N GLY C 101 2.66 -1.26 -11.19
CA GLY C 101 3.97 -1.02 -11.72
C GLY C 101 4.22 -0.85 -13.19
N ALA C 102 3.16 -0.70 -13.95
CA ALA C 102 3.20 -0.37 -15.36
C ALA C 102 3.56 1.06 -15.48
N ASP C 103 4.48 1.40 -16.33
CA ASP C 103 4.85 2.76 -16.44
C ASP C 103 4.01 3.45 -17.47
N LYS C 104 3.47 2.70 -18.40
CA LYS C 104 2.64 3.22 -19.44
C LYS C 104 1.50 2.26 -19.68
N VAL C 105 0.41 2.72 -20.23
CA VAL C 105 -0.62 1.84 -20.69
C VAL C 105 -0.91 2.17 -22.10
N SER C 106 -1.24 1.14 -22.85
CA SER C 106 -1.41 1.28 -24.26
C SER C 106 -2.87 1.12 -24.52
N ILE C 107 -3.37 1.92 -25.42
CA ILE C 107 -4.73 1.82 -25.74
C ILE C 107 -4.93 1.89 -27.25
N ASN C 108 -5.93 1.18 -27.73
CA ASN C 108 -6.26 1.10 -29.09
C ASN C 108 -7.73 1.05 -29.35
N THR C 109 -8.41 0.02 -28.95
CA THR C 109 -9.79 -0.08 -29.29
C THR C 109 -10.65 0.85 -28.48
N ALA C 110 -10.38 0.93 -27.19
CA ALA C 110 -11.16 1.78 -26.35
C ALA C 110 -11.09 3.17 -26.86
N ALA C 111 -9.90 3.62 -27.24
CA ALA C 111 -9.76 4.96 -27.77
C ALA C 111 -10.38 4.92 -29.13
N VAL C 112 -11.11 5.94 -29.48
CA VAL C 112 -12.05 5.75 -30.54
C VAL C 112 -13.23 5.02 -29.93
N GLU C 113 -14.02 5.66 -29.07
CA GLU C 113 -15.07 4.93 -28.39
C GLU C 113 -14.57 4.60 -27.01
N ASN C 114 -14.10 5.64 -26.38
CA ASN C 114 -14.22 6.88 -27.06
C ASN C 114 -12.92 7.63 -27.18
N PRO C 115 -12.69 8.14 -28.36
CA PRO C 115 -11.58 9.06 -28.53
C PRO C 115 -11.46 9.81 -27.22
N SER C 116 -12.33 9.54 -26.29
CA SER C 116 -12.23 10.27 -25.06
C SER C 116 -11.73 9.36 -23.99
N SER D 6 30.22 -23.39 16.00
CA SER D 6 30.17 -22.51 14.79
C SER D 6 28.92 -22.81 13.96
N GLN D 7 28.77 -24.10 13.64
CA GLN D 7 27.69 -24.60 12.76
C GLN D 7 26.25 -24.38 13.30
N ALA D 8 26.13 -24.20 14.62
CA ALA D 8 24.82 -24.15 15.30
C ALA D 8 24.02 -22.83 15.20
N VAL D 9 24.51 -21.87 14.42
CA VAL D 9 23.87 -20.56 14.27
C VAL D 9 23.62 -20.28 12.79
N VAL D 10 22.34 -20.18 12.40
CA VAL D 10 21.95 -19.83 11.03
C VAL D 10 21.43 -18.41 11.01
N VAL D 11 21.96 -17.60 10.11
CA VAL D 11 21.47 -16.26 9.98
C VAL D 11 20.61 -16.20 8.73
N ALA D 12 19.32 -15.96 8.97
CA ALA D 12 18.37 -15.75 7.91
C ALA D 12 18.43 -14.27 7.49
N ILE D 13 18.60 -14.05 6.19
CA ILE D 13 18.58 -12.74 5.57
C ILE D 13 17.41 -12.65 4.57
N ASP D 14 16.45 -11.76 4.88
CA ASP D 14 15.45 -11.33 3.90
C ASP D 14 16.06 -10.24 3.07
N ALA D 15 15.98 -10.37 1.74
CA ALA D 15 16.37 -9.32 0.82
C ALA D 15 15.41 -9.21 -0.37
N LYS D 16 15.47 -8.05 -1.03
CA LYS D 16 14.77 -7.76 -2.26
C LYS D 16 15.43 -6.58 -2.92
N ARG D 17 15.48 -6.60 -4.25
CA ARG D 17 15.96 -5.48 -5.02
C ARG D 17 15.01 -4.35 -4.71
N VAL D 18 15.53 -3.20 -4.32
CA VAL D 18 14.66 -2.07 -4.07
C VAL D 18 15.18 -0.87 -4.83
N ASP D 19 14.45 -0.51 -5.88
CA ASP D 19 14.92 0.47 -6.82
C ASP D 19 16.30 0.01 -7.28
N GLY D 20 16.33 -1.17 -7.90
CA GLY D 20 17.54 -1.75 -8.45
C GLY D 20 18.52 -2.39 -7.47
N GLU D 21 18.25 -2.26 -6.18
CA GLU D 21 19.18 -2.62 -5.13
C GLU D 21 18.63 -3.56 -4.08
N PHE D 22 19.39 -4.60 -3.82
CA PHE D 22 19.08 -5.60 -2.80
C PHE D 22 19.18 -4.99 -1.41
N MET D 23 18.04 -4.63 -0.83
CA MET D 23 18.02 -4.08 0.49
C MET D 23 17.90 -5.22 1.50
N VAL D 24 18.39 -5.00 2.71
CA VAL D 24 18.08 -5.94 3.79
C VAL D 24 16.70 -5.60 4.38
N PHE D 25 16.02 -6.59 4.94
CA PHE D 25 14.65 -6.43 5.43
C PHE D 25 14.38 -7.20 6.72
N THR D 26 13.94 -6.48 7.73
CA THR D 26 13.59 -7.12 8.99
C THR D 26 12.11 -6.96 9.25
N TYR D 27 11.63 -7.64 10.29
CA TYR D 27 10.25 -7.56 10.74
C TYR D 27 9.35 -8.08 9.62
N SER D 28 9.22 -9.41 9.60
CA SER D 28 8.64 -10.18 8.50
C SER D 28 8.78 -9.43 7.19
N GLY D 29 10.03 -9.27 6.74
CA GLY D 29 10.37 -8.45 5.59
C GLY D 29 9.29 -7.47 5.14
N LYS D 30 8.83 -6.64 6.08
CA LYS D 30 7.83 -5.65 5.77
C LYS D 30 8.36 -4.31 6.20
N LYS D 31 9.23 -4.33 7.20
CA LYS D 31 9.86 -3.11 7.65
C LYS D 31 11.30 -3.12 7.18
N ASN D 32 11.97 -2.22 6.08
CA ASN D 32 13.27 -2.06 5.45
C ASN D 32 14.36 -1.80 6.49
N THR D 33 15.58 -1.83 6.10
CA THR D 33 16.51 -1.73 7.15
C THR D 33 17.37 -0.76 6.54
N GLY D 34 17.30 -0.71 5.23
CA GLY D 34 18.11 0.33 4.63
C GLY D 34 19.60 0.04 4.66
N ILE D 35 19.94 -1.24 4.73
CA ILE D 35 21.32 -1.73 4.59
C ILE D 35 21.40 -2.67 3.37
N LEU D 36 22.37 -2.42 2.49
CA LEU D 36 22.61 -3.31 1.36
C LEU D 36 22.98 -4.73 1.82
N LEU D 37 22.49 -5.72 1.09
CA LEU D 37 22.79 -7.14 1.37
C LEU D 37 24.29 -7.44 1.35
N ARG D 38 24.99 -6.90 0.36
CA ARG D 38 26.42 -7.16 0.17
C ARG D 38 27.24 -6.87 1.44
N ASP D 39 26.95 -5.74 2.08
CA ASP D 39 27.61 -5.38 3.34
C ASP D 39 27.30 -6.37 4.47
N TRP D 40 26.03 -6.72 4.58
CA TRP D 40 25.53 -7.58 5.66
C TRP D 40 26.02 -9.01 5.55
N VAL D 41 26.08 -9.55 4.32
CA VAL D 41 26.55 -10.92 4.10
C VAL D 41 28.00 -10.99 4.55
N VAL D 42 28.79 -10.02 4.10
CA VAL D 42 30.17 -9.90 4.57
C VAL D 42 30.18 -9.76 6.08
N GLU D 43 29.47 -8.74 6.58
CA GLU D 43 29.32 -8.51 8.04
C GLU D 43 28.96 -9.76 8.88
N VAL D 44 28.02 -10.57 8.39
CA VAL D 44 27.51 -11.72 9.13
C VAL D 44 28.49 -12.91 9.14
N GLU D 45 29.34 -13.02 8.12
CA GLU D 45 30.45 -14.00 8.09
C GLU D 45 31.54 -13.59 9.11
N LYS D 46 31.94 -12.33 9.06
CA LYS D 46 32.80 -11.77 10.10
C LYS D 46 32.24 -12.02 11.51
N ARG D 47 30.91 -12.03 11.68
CA ARG D 47 30.38 -12.08 13.06
C ARG D 47 30.27 -13.47 13.69
N GLY D 48 30.53 -14.54 12.91
CA GLY D 48 30.44 -15.93 13.42
C GLY D 48 29.31 -16.82 12.87
N ALA D 49 28.43 -16.28 12.03
CA ALA D 49 27.31 -17.12 11.59
C ALA D 49 27.84 -18.40 10.95
N GLY D 50 27.13 -19.50 11.18
CA GLY D 50 27.56 -20.75 10.60
C GLY D 50 26.92 -20.91 9.23
N GLU D 51 25.75 -20.32 9.03
CA GLU D 51 24.98 -20.72 7.87
C GLU D 51 23.95 -19.69 7.59
N ILE D 52 23.84 -19.39 6.29
CA ILE D 52 22.98 -18.33 5.84
C ILE D 52 21.66 -18.85 5.20
N LEU D 53 20.53 -18.35 5.70
CA LEU D 53 19.23 -18.70 5.14
C LEU D 53 18.88 -17.53 4.26
N LEU D 54 19.08 -17.69 2.94
CA LEU D 54 18.94 -16.54 2.02
C LEU D 54 17.57 -16.61 1.40
N THR D 55 16.79 -15.56 1.59
CA THR D 55 15.49 -15.48 0.98
C THR D 55 15.30 -14.16 0.28
N SER D 56 14.81 -14.23 -0.94
CA SER D 56 14.34 -13.03 -1.62
C SER D 56 12.87 -12.94 -1.31
N ILE D 57 12.43 -11.76 -0.90
CA ILE D 57 11.04 -11.61 -0.57
C ILE D 57 10.20 -12.08 -1.74
N ASP D 58 9.96 -11.04 -2.55
CA ASP D 58 9.30 -11.01 -3.84
C ASP D 58 8.84 -12.33 -4.36
N ARG D 59 9.62 -13.35 -4.18
CA ARG D 59 9.11 -14.54 -4.67
C ARG D 59 8.69 -15.36 -3.53
N ASP D 60 7.53 -15.08 -2.88
CA ASP D 60 7.42 -15.96 -1.67
C ASP D 60 6.23 -16.85 -1.47
N GLY D 61 6.34 -18.16 -1.37
CA GLY D 61 4.99 -18.69 -1.35
C GLY D 61 4.36 -18.92 -2.73
N THR D 62 4.96 -18.27 -3.72
CA THR D 62 4.59 -18.47 -5.11
C THR D 62 5.33 -19.72 -5.52
N LYS D 63 5.35 -20.00 -6.82
CA LYS D 63 6.13 -21.12 -7.31
C LYS D 63 6.74 -20.77 -8.64
N SER D 64 7.30 -19.57 -8.70
CA SER D 64 7.91 -19.06 -9.92
C SER D 64 9.42 -19.22 -9.91
N GLY D 65 9.95 -19.76 -8.81
CA GLY D 65 11.38 -19.92 -8.67
C GLY D 65 12.06 -19.09 -7.59
N TYR D 66 13.20 -19.59 -7.14
CA TYR D 66 14.02 -18.85 -6.20
C TYR D 66 14.36 -17.58 -6.89
N ASP D 67 15.47 -16.98 -6.50
CA ASP D 67 15.98 -15.82 -7.17
C ASP D 67 17.47 -15.94 -7.42
N THR D 68 17.86 -16.53 -8.54
CA THR D 68 19.24 -16.89 -8.75
C THR D 68 20.24 -15.78 -8.88
N GLU D 69 19.77 -14.58 -9.17
CA GLU D 69 20.65 -13.46 -9.37
C GLU D 69 21.24 -13.07 -8.02
N MET D 70 20.40 -12.98 -7.01
CA MET D 70 20.88 -12.67 -5.68
C MET D 70 21.72 -13.77 -5.13
N ILE D 71 21.42 -15.00 -5.48
CA ILE D 71 22.27 -16.11 -5.05
C ILE D 71 23.68 -16.04 -5.65
N ARG D 72 23.75 -15.86 -6.95
CA ARG D 72 25.04 -15.71 -7.66
C ARG D 72 25.81 -14.47 -7.19
N PHE D 73 25.04 -13.46 -6.76
CA PHE D 73 25.54 -12.19 -6.25
C PHE D 73 26.19 -12.41 -4.90
N VAL D 74 25.49 -13.14 -4.03
CA VAL D 74 25.99 -13.48 -2.69
C VAL D 74 27.12 -14.49 -2.69
N ARG D 75 27.06 -15.51 -3.55
CA ARG D 75 28.08 -16.57 -3.53
C ARG D 75 29.57 -16.06 -3.41
N PRO D 76 30.00 -15.09 -4.26
CA PRO D 76 31.40 -14.66 -4.08
C PRO D 76 31.70 -13.76 -2.85
N LEU D 77 30.72 -13.51 -1.98
CA LEU D 77 30.99 -12.67 -0.79
C LEU D 77 31.28 -13.47 0.47
N THR D 78 30.92 -14.75 0.46
CA THR D 78 30.96 -15.61 1.65
C THR D 78 31.44 -17.04 1.37
N THR D 79 32.02 -17.67 2.38
CA THR D 79 32.47 -19.05 2.21
C THR D 79 31.43 -19.99 2.78
N LEU D 80 30.38 -19.38 3.36
CA LEU D 80 29.35 -20.11 4.10
C LEU D 80 28.43 -20.95 3.24
N PRO D 81 27.85 -22.00 3.85
CA PRO D 81 26.78 -22.75 3.21
C PRO D 81 25.58 -21.84 3.01
N ILE D 82 25.05 -21.81 1.78
CA ILE D 82 23.86 -21.04 1.49
C ILE D 82 22.57 -21.88 1.40
N ILE D 83 21.53 -21.44 2.09
CA ILE D 83 20.18 -22.02 1.96
C ILE D 83 19.33 -21.04 1.18
N ALA D 84 19.03 -21.38 -0.04
CA ALA D 84 18.20 -20.52 -0.87
C ALA D 84 16.80 -20.83 -0.43
N SER D 85 16.04 -19.79 -0.15
CA SER D 85 14.74 -19.98 0.37
C SER D 85 13.85 -19.09 -0.42
N GLY D 86 12.66 -19.59 -0.64
CA GLY D 86 11.59 -18.74 -1.11
C GLY D 86 11.29 -18.96 -2.56
N GLY D 87 10.19 -19.68 -2.82
CA GLY D 87 9.55 -19.65 -4.12
C GLY D 87 9.72 -20.87 -4.99
N ALA D 88 10.60 -21.79 -4.62
CA ALA D 88 10.79 -22.99 -5.43
C ALA D 88 9.42 -23.62 -5.52
N GLY D 89 9.09 -24.09 -6.70
CA GLY D 89 7.87 -24.79 -6.96
C GLY D 89 8.20 -25.89 -7.91
N LYS D 90 9.15 -25.64 -8.79
CA LYS D 90 9.57 -26.64 -9.74
C LYS D 90 10.99 -27.11 -9.55
N MET D 91 11.20 -28.37 -9.87
CA MET D 91 12.48 -29.00 -9.74
C MET D 91 13.59 -28.22 -10.42
N GLU D 92 13.24 -27.53 -11.49
CA GLU D 92 14.17 -26.77 -12.31
C GLU D 92 14.59 -25.49 -11.61
N HIS D 93 13.94 -25.24 -10.48
CA HIS D 93 14.23 -24.08 -9.66
C HIS D 93 15.28 -24.45 -8.69
N PHE D 94 15.15 -25.61 -8.09
CA PHE D 94 16.16 -26.06 -7.16
C PHE D 94 17.49 -26.16 -7.88
N LEU D 95 17.45 -26.76 -9.06
CA LEU D 95 18.64 -27.01 -9.86
C LEU D 95 19.37 -25.74 -10.19
N GLU D 96 18.63 -24.68 -10.52
CA GLU D 96 19.24 -23.42 -10.90
C GLU D 96 19.87 -22.73 -9.72
N ALA D 97 19.21 -22.81 -8.58
CA ALA D 97 19.71 -22.22 -7.34
C ALA D 97 21.02 -22.87 -6.94
N PHE D 98 21.08 -24.20 -7.00
CA PHE D 98 22.31 -25.00 -6.82
C PHE D 98 23.44 -24.65 -7.79
N LEU D 99 23.09 -24.43 -9.05
CA LEU D 99 24.10 -24.08 -10.03
C LEU D 99 24.68 -22.70 -9.77
N ARG D 100 23.85 -21.81 -9.24
CA ARG D 100 24.25 -20.45 -8.98
C ARG D 100 24.87 -20.27 -7.60
N GLY D 101 25.05 -21.34 -6.86
CA GLY D 101 25.71 -21.23 -5.58
C GLY D 101 25.09 -21.84 -4.34
N ALA D 102 23.78 -21.97 -4.32
CA ALA D 102 23.06 -22.48 -3.17
C ALA D 102 23.67 -23.79 -2.75
N ASP D 103 23.93 -23.93 -1.46
CA ASP D 103 24.45 -25.19 -0.94
C ASP D 103 23.29 -26.08 -0.55
N LYS D 104 22.19 -25.48 -0.09
CA LYS D 104 20.92 -26.17 0.11
C LYS D 104 19.79 -25.30 -0.41
N VAL D 105 18.63 -25.93 -0.64
CA VAL D 105 17.37 -25.21 -0.88
C VAL D 105 16.35 -25.48 0.18
N SER D 106 15.54 -24.47 0.45
CA SER D 106 14.47 -24.59 1.41
C SER D 106 13.15 -24.73 0.68
N ILE D 107 12.05 -25.27 1.00
CA ILE D 107 10.68 -25.39 0.46
C ILE D 107 9.68 -25.81 1.44
N ASN D 108 8.50 -25.28 1.25
CA ASN D 108 7.50 -25.40 2.22
C ASN D 108 6.22 -25.69 1.53
N THR D 109 5.65 -24.68 0.94
CA THR D 109 4.40 -24.79 0.25
C THR D 109 4.42 -25.84 -0.84
N ALA D 110 5.41 -25.80 -1.72
CA ALA D 110 5.52 -26.69 -2.84
C ALA D 110 5.75 -28.12 -2.36
N ALA D 111 6.37 -28.29 -1.20
CA ALA D 111 6.58 -29.63 -0.69
C ALA D 111 5.28 -30.23 -0.22
N VAL D 112 4.45 -29.42 0.44
CA VAL D 112 3.14 -29.87 0.97
C VAL D 112 2.20 -30.25 -0.19
N GLU D 113 2.20 -29.43 -1.24
CA GLU D 113 1.31 -29.65 -2.37
C GLU D 113 1.85 -30.76 -3.28
N ASN D 114 3.15 -31.05 -3.16
CA ASN D 114 3.74 -32.15 -3.94
C ASN D 114 4.93 -32.80 -3.26
N PRO D 115 4.70 -33.70 -2.29
CA PRO D 115 5.74 -34.29 -1.44
C PRO D 115 6.89 -34.96 -2.21
N SER D 116 6.63 -35.54 -3.38
CA SER D 116 7.71 -36.15 -4.16
C SER D 116 8.78 -35.15 -4.63
N LEU D 117 8.47 -33.83 -4.67
CA LEU D 117 9.48 -32.82 -4.98
C LEU D 117 10.66 -32.99 -4.04
N ILE D 118 10.37 -33.18 -2.77
CA ILE D 118 11.44 -33.48 -1.82
C ILE D 118 12.36 -34.55 -2.42
N THR D 119 11.81 -35.73 -2.69
CA THR D 119 12.57 -36.84 -3.28
C THR D 119 13.20 -36.44 -4.60
N GLN D 120 12.44 -35.77 -5.47
CA GLN D 120 12.97 -35.42 -6.79
C GLN D 120 14.26 -34.64 -6.62
N ILE D 121 14.24 -33.67 -5.70
CA ILE D 121 15.30 -32.72 -5.53
C ILE D 121 16.49 -33.36 -4.93
N ALA D 122 16.24 -34.34 -4.07
CA ALA D 122 17.25 -34.90 -3.24
C ALA D 122 18.03 -36.06 -3.85
N GLN D 123 17.35 -37.16 -4.21
CA GLN D 123 18.04 -38.44 -4.50
C GLN D 123 19.12 -38.30 -5.57
N THR D 124 19.01 -37.20 -6.32
CA THR D 124 20.10 -36.76 -7.19
C THR D 124 21.33 -36.32 -6.35
N PHE D 125 21.13 -36.07 -5.05
CA PHE D 125 22.18 -35.48 -4.20
C PHE D 125 22.65 -36.35 -3.04
P PO4 E . -17.03 10.81 3.05
O1 PO4 E . -16.30 9.48 2.77
O2 PO4 E . -16.14 11.65 3.97
O3 PO4 E . -17.19 11.53 1.74
O4 PO4 E . -18.41 10.60 3.71
P PO4 F . -11.72 19.56 15.89
O1 PO4 F . -12.13 18.52 14.81
O2 PO4 F . -10.32 19.29 16.37
O3 PO4 F . -11.82 20.88 15.18
O4 PO4 F . -12.65 19.45 17.06
P PO4 G . -7.30 -3.93 -26.21
O1 PO4 G . -6.52 -2.97 -27.12
O2 PO4 G . -8.09 -3.15 -25.13
O3 PO4 G . -8.28 -4.73 -27.05
O4 PO4 G . -6.36 -4.87 -25.50
P PO4 H . 7.96 -21.58 0.05
O1 PO4 H . 8.15 -23.03 -0.48
O2 PO4 H . 8.11 -20.65 -1.16
O3 PO4 H . 6.58 -21.40 0.70
O4 PO4 H . 9.03 -21.19 1.08
#